data_1D4P
#
_entry.id   1D4P
#
_cell.length_a   71.560
_cell.length_b   72.060
_cell.length_c   73.220
_cell.angle_alpha   90.00
_cell.angle_beta   101.20
_cell.angle_gamma   90.00
#
_symmetry.space_group_name_H-M   'C 1 2 1'
#
loop_
_entity.id
_entity.type
_entity.pdbx_description
1 polymer ALPHA-THROMBIN
2 polymer ALPHA-THROMBIN
3 polymer HIRUGEN
4 non-polymer 2-acetamido-2-deoxy-beta-D-glucopyranose
5 non-polymer 'SODIUM ION'
6 non-polymer 2-(4-benzylpiperidine-1-carbonyl)-1H-indole-5-carboximidamide
7 water water
#
loop_
_entity_poly.entity_id
_entity_poly.type
_entity_poly.pdbx_seq_one_letter_code
_entity_poly.pdbx_strand_id
1 'polypeptide(L)' TFGSGEADCGLRPLFEKKSLEDKTERELLESYIDGR A
2 'polypeptide(L)'
;IVEGSDAEIGMSPWQVMLFRKSPQELLCGASLISDRWVLTAAHCLLYPPWDKNFTENDLLVRIGKHSRTRYERNIEKISM
LEKIYIHPRYNWRENLDRDIALMKLKKPVAFSDYIHPVCLPDRETAASLLQAGYKGRVTGWGNLKETWTANVGKGQPSVL
QVVNLPIVERPVCKDSTRIRITDNMFCAGYKPDEGKRGDACEGDSGGPFVMKSPFNNRWYQMGIVSWGEGCDRDGKYGFY
THVFRLKKWIQKVIDQFGE
;
B
3 'polypeptide(L)' GDFEEIPEE(TYS)LQ H
#
loop_
_chem_comp.id
_chem_comp.type
_chem_comp.name
_chem_comp.formula
BPP non-polymer 2-(4-benzylpiperidine-1-carbonyl)-1H-indole-5-carboximidamide 'C22 H24 N4 O'
NA non-polymer 'SODIUM ION' 'Na 1'
NAG D-saccharide, beta linking 2-acetamido-2-deoxy-beta-D-glucopyranose 'C8 H15 N O6'
#
# COMPACT_ATOMS: atom_id res chain seq x y z
N GLU A 6 1.39 -17.10 3.40
CA GLU A 6 0.07 -17.82 3.34
C GLU A 6 -0.01 -18.76 2.14
N ALA A 7 -0.74 -19.85 2.31
CA ALA A 7 -0.90 -20.84 1.25
C ALA A 7 -1.54 -20.29 -0.01
N ASP A 8 -2.69 -19.64 0.11
CA ASP A 8 -3.33 -19.08 -1.07
C ASP A 8 -3.21 -17.54 -1.16
N CYS A 9 -2.07 -17.02 -0.71
CA CYS A 9 -1.84 -15.57 -0.77
C CYS A 9 -1.87 -15.10 -2.21
N GLY A 10 -2.28 -13.85 -2.41
CA GLY A 10 -2.29 -13.28 -3.74
C GLY A 10 -3.30 -13.79 -4.76
N LEU A 11 -4.18 -14.72 -4.37
CA LEU A 11 -5.19 -15.22 -5.30
C LEU A 11 -6.51 -14.65 -4.81
N ARG A 12 -7.13 -13.77 -5.59
CA ARG A 12 -8.38 -13.13 -5.16
C ARG A 12 -9.64 -13.97 -5.39
N PRO A 13 -10.46 -14.14 -4.36
CA PRO A 13 -11.70 -14.91 -4.46
C PRO A 13 -12.58 -14.54 -5.66
N LEU A 14 -12.77 -13.24 -5.88
CA LEU A 14 -13.62 -12.79 -6.98
C LEU A 14 -12.96 -12.73 -8.34
N PHE A 15 -11.66 -12.99 -8.40
CA PHE A 15 -11.01 -12.95 -9.68
C PHE A 15 -10.26 -14.24 -10.01
N GLU A 16 -9.01 -14.40 -9.56
CA GLU A 16 -8.24 -15.60 -9.87
C GLU A 16 -8.95 -16.91 -9.53
N LYS A 17 -9.55 -16.99 -8.35
CA LYS A 17 -10.24 -18.21 -7.94
C LYS A 17 -11.41 -18.59 -8.86
N LYS A 18 -11.93 -17.61 -9.61
CA LYS A 18 -13.06 -17.82 -10.52
C LYS A 18 -12.61 -17.74 -11.96
N SER A 19 -11.31 -17.56 -12.17
CA SER A 19 -10.74 -17.41 -13.51
C SER A 19 -11.30 -16.19 -14.24
N LEU A 20 -11.54 -15.12 -13.49
CA LEU A 20 -12.04 -13.87 -14.08
C LEU A 20 -10.93 -12.82 -13.93
N GLU A 21 -10.75 -11.99 -14.95
CA GLU A 21 -9.72 -10.97 -14.90
C GLU A 21 -10.33 -9.61 -14.60
N ASP A 22 -9.57 -8.73 -13.93
CA ASP A 22 -10.10 -7.39 -13.69
C ASP A 22 -9.87 -6.55 -14.93
N LYS A 23 -10.46 -5.37 -14.93
CA LYS A 23 -10.41 -4.43 -16.06
C LYS A 23 -9.05 -4.02 -16.62
N THR A 24 -8.03 -3.93 -15.79
CA THR A 24 -6.74 -3.46 -16.32
C THR A 24 -5.52 -4.35 -16.09
N GLU A 25 -5.71 -5.53 -15.51
CA GLU A 25 -4.54 -6.36 -15.24
C GLU A 25 -3.79 -6.77 -16.48
N ARG A 26 -4.47 -6.78 -17.62
CA ARG A 26 -3.81 -7.13 -18.88
C ARG A 26 -2.68 -6.12 -19.16
N GLU A 27 -2.89 -4.89 -18.70
CA GLU A 27 -1.89 -3.83 -18.89
C GLU A 27 -0.59 -4.23 -18.20
N LEU A 28 -0.69 -4.73 -16.98
CA LEU A 28 0.49 -5.16 -16.23
C LEU A 28 1.19 -6.31 -16.94
N LEU A 29 0.44 -7.36 -17.21
CA LEU A 29 0.98 -8.53 -17.86
C LEU A 29 1.63 -8.20 -19.19
N GLU A 30 1.00 -7.32 -19.97
CA GLU A 30 1.56 -6.94 -21.26
C GLU A 30 2.88 -6.19 -21.17
N SER A 31 3.18 -5.64 -20.01
CA SER A 31 4.43 -4.89 -19.87
C SER A 31 5.59 -5.82 -19.48
N TYR A 32 5.28 -7.02 -19.00
CA TYR A 32 6.32 -7.97 -18.61
C TYR A 32 6.92 -8.70 -19.81
N ILE A 33 7.91 -8.10 -20.46
CA ILE A 33 8.55 -8.69 -21.63
C ILE A 33 9.31 -10.00 -21.35
N ILE B 1 -4.75 8.87 -4.74
CA ILE B 1 -4.30 8.49 -6.11
C ILE B 1 -4.70 9.56 -7.11
N VAL B 2 -3.76 9.96 -7.96
CA VAL B 2 -4.03 10.99 -8.95
C VAL B 2 -4.11 10.41 -10.35
N GLU B 3 -5.21 10.71 -11.04
CA GLU B 3 -5.40 10.23 -12.41
C GLU B 3 -5.61 8.73 -12.48
N GLY B 4 -6.26 8.17 -11.46
CA GLY B 4 -6.53 6.75 -11.45
C GLY B 4 -8.00 6.52 -11.78
N SER B 5 -8.57 5.41 -11.32
CA SER B 5 -9.97 5.15 -11.57
C SER B 5 -10.52 4.35 -10.40
N ASP B 6 -11.85 4.25 -10.32
CA ASP B 6 -12.47 3.50 -9.23
C ASP B 6 -12.05 2.04 -9.36
N ALA B 7 -11.80 1.39 -8.24
CA ALA B 7 -11.41 -0.01 -8.27
C ALA B 7 -12.69 -0.87 -8.34
N GLU B 8 -12.58 -2.07 -8.89
CA GLU B 8 -13.73 -2.97 -8.94
C GLU B 8 -13.86 -3.56 -7.54
N ILE B 9 -15.05 -4.07 -7.20
CA ILE B 9 -15.28 -4.69 -5.91
C ILE B 9 -14.34 -5.92 -5.76
N GLY B 10 -13.72 -6.10 -4.60
CA GLY B 10 -12.81 -7.22 -4.38
C GLY B 10 -11.53 -7.24 -5.21
N MET B 11 -11.22 -6.13 -5.88
CA MET B 11 -10.02 -6.01 -6.71
C MET B 11 -8.68 -5.99 -5.91
N SER B 12 -8.74 -5.51 -4.66
CA SER B 12 -7.56 -5.43 -3.78
C SER B 12 -8.03 -5.83 -2.40
N PRO B 13 -8.27 -7.13 -2.22
CA PRO B 13 -8.74 -7.65 -0.93
C PRO B 13 -7.74 -7.52 0.21
N TRP B 14 -6.50 -7.17 -0.12
CA TRP B 14 -5.46 -6.98 0.91
C TRP B 14 -5.36 -5.50 1.33
N GLN B 15 -6.09 -4.61 0.65
CA GLN B 15 -6.04 -3.18 1.01
C GLN B 15 -6.59 -2.93 2.39
N VAL B 16 -5.85 -2.18 3.18
CA VAL B 16 -6.27 -1.88 4.53
C VAL B 16 -6.29 -0.37 4.71
N MET B 17 -7.16 0.09 5.60
CA MET B 17 -7.26 1.51 5.89
C MET B 17 -6.81 1.74 7.33
N LEU B 18 -5.91 2.70 7.53
CA LEU B 18 -5.46 3.03 8.87
C LEU B 18 -6.39 4.16 9.29
N PHE B 19 -7.18 3.91 10.32
CA PHE B 19 -8.18 4.86 10.78
C PHE B 19 -7.92 5.39 12.19
N ARG B 20 -7.92 6.72 12.33
CA ARG B 20 -7.69 7.37 13.63
C ARG B 20 -8.98 7.38 14.45
N LYS B 21 -8.88 6.98 15.72
CA LYS B 21 -10.02 6.92 16.64
C LYS B 21 -10.73 8.25 16.87
N SER B 22 -9.98 9.27 17.29
CA SER B 22 -10.54 10.60 17.54
C SER B 22 -9.48 11.67 17.37
N PRO B 23 -9.71 12.60 16.43
CA PRO B 23 -10.90 12.66 15.57
C PRO B 23 -10.88 11.54 14.53
N GLN B 24 -12.03 10.93 14.30
CA GLN B 24 -12.12 9.84 13.32
C GLN B 24 -11.77 10.35 11.93
N GLU B 25 -10.66 9.84 11.38
CA GLU B 25 -10.20 10.24 10.05
C GLU B 25 -9.27 9.20 9.44
N LEU B 26 -9.08 9.29 8.13
CA LEU B 26 -8.20 8.37 7.42
C LEU B 26 -6.77 8.85 7.64
N LEU B 27 -5.90 7.93 8.04
CA LEU B 27 -4.50 8.28 8.27
C LEU B 27 -3.61 7.86 7.12
N CYS B 28 -3.79 6.61 6.69
CA CYS B 28 -2.94 6.06 5.66
C CYS B 28 -3.49 4.74 5.14
N GLY B 29 -2.79 4.19 4.17
CA GLY B 29 -3.15 2.89 3.63
C GLY B 29 -2.28 1.87 4.35
N ALA B 30 -2.51 0.60 4.02
CA ALA B 30 -1.76 -0.50 4.59
C ALA B 30 -2.15 -1.73 3.78
N SER B 31 -1.58 -2.89 4.11
CA SER B 31 -1.87 -4.14 3.40
C SER B 31 -1.90 -5.35 4.35
N LEU B 32 -2.75 -6.32 4.04
CA LEU B 32 -2.86 -7.50 4.91
C LEU B 32 -1.94 -8.56 4.36
N ILE B 33 -0.99 -9.03 5.17
CA ILE B 33 -0.07 -10.03 4.69
C ILE B 33 -0.30 -11.44 5.31
N SER B 34 -1.23 -11.51 6.26
CA SER B 34 -1.59 -12.78 6.90
C SER B 34 -2.83 -12.48 7.75
N ASP B 35 -3.37 -13.47 8.46
CA ASP B 35 -4.56 -13.24 9.26
C ASP B 35 -4.36 -12.34 10.47
N ARG B 36 -3.11 -12.09 10.83
CA ARG B 36 -2.88 -11.23 11.98
C ARG B 36 -1.82 -10.13 11.83
N TRP B 37 -1.29 -9.97 10.62
CA TRP B 37 -0.27 -8.94 10.38
C TRP B 37 -0.58 -7.96 9.25
N VAL B 38 -0.39 -6.67 9.54
CA VAL B 38 -0.63 -5.63 8.56
C VAL B 38 0.69 -4.90 8.27
N LEU B 39 0.93 -4.58 7.00
CA LEU B 39 2.16 -3.90 6.61
C LEU B 39 1.82 -2.46 6.21
N THR B 40 2.64 -1.51 6.65
CA THR B 40 2.41 -0.10 6.31
C THR B 40 3.72 0.70 6.32
N ALA B 41 3.61 2.01 6.12
CA ALA B 41 4.79 2.88 6.11
C ALA B 41 4.98 3.43 7.52
N ALA B 42 6.23 3.40 7.99
CA ALA B 42 6.56 3.91 9.32
C ALA B 42 6.17 5.38 9.51
N HIS B 43 6.35 6.20 8.48
CA HIS B 43 6.04 7.62 8.64
C HIS B 43 4.54 7.88 8.86
N CYS B 44 3.71 6.85 8.67
CA CYS B 44 2.28 6.96 8.89
C CYS B 44 2.04 6.98 10.39
N LEU B 45 2.97 6.41 11.14
CA LEU B 45 2.83 6.35 12.59
C LEU B 45 3.80 7.28 13.31
N LEU B 46 5.01 7.39 12.78
CA LEU B 46 6.05 8.21 13.40
C LEU B 46 6.73 9.18 12.45
N TYR B 47 6.55 10.47 12.72
CA TYR B 47 7.23 11.51 12.00
C TYR B 47 7.31 12.75 12.87
N PRO B 48 8.37 12.75 13.72
CA PRO B 48 8.66 13.82 14.69
C PRO B 48 8.62 15.27 14.17
N PRO B 49 9.09 15.52 12.94
CA PRO B 49 9.05 16.91 12.45
C PRO B 49 7.63 17.49 12.42
N TRP B 50 6.62 16.62 12.41
CA TRP B 50 5.23 17.07 12.39
C TRP B 50 4.58 16.63 13.69
N ASP B 51 5.41 16.33 14.68
CA ASP B 51 4.94 15.92 16.00
C ASP B 51 3.96 14.74 15.94
N LYS B 52 4.18 13.85 14.98
CA LYS B 52 3.34 12.67 14.81
C LYS B 52 3.97 11.47 15.51
N ASN B 53 3.20 10.86 16.41
CA ASN B 53 3.68 9.70 17.15
C ASN B 53 2.53 8.87 17.70
N PHE B 54 1.87 8.11 16.83
CA PHE B 54 0.75 7.28 17.24
C PHE B 54 1.13 5.94 17.86
N THR B 55 0.37 5.54 18.87
CA THR B 55 0.60 4.26 19.54
C THR B 55 -0.56 3.31 19.22
N GLU B 56 -0.44 2.05 19.64
CA GLU B 56 -1.46 1.04 19.39
C GLU B 56 -2.89 1.46 19.71
N ASN B 57 -3.06 2.17 20.83
CA ASN B 57 -4.38 2.60 21.26
C ASN B 57 -4.95 3.81 20.52
N ASP B 58 -4.14 4.44 19.67
CA ASP B 58 -4.59 5.61 18.95
C ASP B 58 -5.36 5.33 17.68
N LEU B 59 -5.24 4.12 17.15
CA LEU B 59 -5.93 3.83 15.90
C LEU B 59 -6.57 2.47 15.70
N LEU B 60 -7.27 2.36 14.57
CA LEU B 60 -7.96 1.14 14.18
C LEU B 60 -7.57 0.80 12.75
N VAL B 61 -7.65 -0.50 12.45
CA VAL B 61 -7.35 -1.00 11.12
C VAL B 61 -8.70 -1.46 10.54
N ARG B 62 -9.06 -0.95 9.36
CA ARG B 62 -10.32 -1.32 8.72
C ARG B 62 -10.06 -2.10 7.45
N ILE B 63 -10.54 -3.34 7.44
CA ILE B 63 -10.31 -4.26 6.33
C ILE B 63 -11.53 -4.66 5.51
N GLY B 64 -11.34 -4.83 4.21
CA GLY B 64 -12.41 -5.24 3.31
C GLY B 64 -13.24 -4.08 2.77
N LYS B 65 -12.75 -2.86 2.94
CA LYS B 65 -13.47 -1.67 2.51
C LYS B 65 -13.38 -1.37 1.02
N HIS B 66 -14.33 -0.55 0.57
CA HIS B 66 -14.37 -0.11 -0.81
C HIS B 66 -14.69 1.38 -0.79
N SER B 67 -15.76 1.72 -0.07
CA SER B 67 -16.18 3.12 0.07
C SER B 67 -15.26 3.73 1.13
N ARG B 68 -14.79 4.95 0.90
CA ARG B 68 -13.89 5.62 1.84
C ARG B 68 -14.50 6.05 3.19
N THR B 69 -15.72 6.59 3.17
CA THR B 69 -16.32 7.09 4.39
C THR B 69 -17.43 6.28 5.07
N ARG B 70 -18.09 5.42 4.30
CA ARG B 70 -19.18 4.65 4.87
C ARG B 70 -18.75 3.47 5.72
N TYR B 71 -19.54 3.15 6.74
CA TYR B 71 -19.24 1.99 7.57
C TYR B 71 -19.93 0.86 6.80
N GLU B 72 -19.15 0.08 6.07
CA GLU B 72 -19.69 -0.99 5.25
C GLU B 72 -20.14 -2.24 6.02
N ARG B 73 -21.29 -2.12 6.68
CA ARG B 73 -21.89 -3.17 7.49
C ARG B 73 -21.85 -4.54 6.80
N ASN B 74 -21.52 -5.57 7.57
CA ASN B 74 -21.42 -6.95 7.10
C ASN B 74 -20.36 -7.20 6.03
N ILE B 75 -19.61 -6.16 5.65
CA ILE B 75 -18.56 -6.34 4.64
C ILE B 75 -17.19 -6.10 5.28
N GLU B 76 -16.97 -4.91 5.81
CA GLU B 76 -15.69 -4.59 6.44
C GLU B 76 -15.57 -5.11 7.86
N LYS B 77 -14.33 -5.31 8.29
CA LYS B 77 -14.02 -5.75 9.63
C LYS B 77 -13.08 -4.70 10.22
N ILE B 78 -13.36 -4.26 11.45
CA ILE B 78 -12.53 -3.25 12.11
C ILE B 78 -11.78 -3.98 13.21
N SER B 79 -10.45 -3.85 13.20
CA SER B 79 -9.61 -4.53 14.20
C SER B 79 -8.80 -3.59 15.06
N MET B 80 -8.51 -4.03 16.27
CA MET B 80 -7.70 -3.26 17.20
C MET B 80 -6.28 -3.78 17.07
N LEU B 81 -5.31 -2.94 17.41
CA LEU B 81 -3.91 -3.34 17.31
C LEU B 81 -3.35 -3.81 18.65
N GLU B 82 -2.50 -4.83 18.60
CA GLU B 82 -1.88 -5.35 19.80
C GLU B 82 -0.50 -4.76 19.95
N LYS B 83 0.22 -4.64 18.83
CA LYS B 83 1.57 -4.08 18.86
C LYS B 83 2.03 -3.52 17.53
N ILE B 84 2.78 -2.42 17.60
CA ILE B 84 3.32 -1.79 16.41
C ILE B 84 4.86 -1.95 16.43
N TYR B 85 5.43 -2.31 15.28
CA TYR B 85 6.88 -2.47 15.19
C TYR B 85 7.39 -1.60 14.06
N ILE B 86 8.26 -0.64 14.41
CA ILE B 86 8.82 0.23 13.40
C ILE B 86 10.25 -0.21 13.13
N HIS B 87 10.71 -0.13 11.89
CA HIS B 87 12.08 -0.57 11.65
C HIS B 87 13.04 0.20 12.54
N PRO B 88 13.95 -0.51 13.24
CA PRO B 88 14.92 0.14 14.14
C PRO B 88 15.74 1.23 13.45
N ARG B 89 15.97 1.11 12.14
CA ARG B 89 16.75 2.09 11.40
C ARG B 89 15.97 2.95 10.40
N TYR B 90 14.69 3.18 10.69
CA TYR B 90 13.85 4.03 9.87
C TYR B 90 14.48 5.43 9.99
N ASN B 91 14.85 6.01 8.85
CA ASN B 91 15.50 7.32 8.85
C ASN B 91 14.57 8.51 8.58
N TRP B 92 13.84 8.95 9.61
CA TRP B 92 12.94 10.07 9.43
C TRP B 92 13.63 11.45 9.38
N ARG B 93 14.87 11.53 9.84
CA ARG B 93 15.57 12.82 9.83
C ARG B 93 16.02 13.25 8.45
N GLU B 94 16.32 12.30 7.57
CA GLU B 94 16.81 12.68 6.27
C GLU B 94 16.03 12.33 5.00
N ASN B 95 15.89 11.04 4.71
CA ASN B 95 15.24 10.64 3.46
C ASN B 95 14.17 9.55 3.53
N LEU B 96 13.66 9.24 4.72
CA LEU B 96 12.64 8.22 4.91
C LEU B 96 13.11 6.83 4.45
N ASP B 97 14.40 6.58 4.63
CA ASP B 97 15.00 5.29 4.27
C ASP B 97 14.41 4.23 5.21
N ARG B 98 14.05 3.09 4.65
CA ARG B 98 13.43 2.02 5.46
C ARG B 98 12.10 2.50 6.06
N ASP B 99 11.26 3.11 5.23
CA ASP B 99 9.95 3.61 5.69
C ASP B 99 9.02 2.37 5.72
N ILE B 100 9.06 1.61 6.82
CA ILE B 100 8.26 0.39 6.94
C ILE B 100 7.91 0.08 8.39
N ALA B 101 6.75 -0.48 8.61
CA ALA B 101 6.30 -0.84 9.94
C ALA B 101 5.34 -2.01 9.84
N LEU B 102 5.29 -2.79 10.91
CA LEU B 102 4.40 -3.94 11.00
C LEU B 102 3.45 -3.70 12.16
N MET B 103 2.22 -4.17 12.02
CA MET B 103 1.22 -4.02 13.06
C MET B 103 0.57 -5.38 13.33
N LYS B 104 0.58 -5.79 14.59
CA LYS B 104 0.00 -7.07 14.97
C LYS B 104 -1.42 -6.85 15.47
N LEU B 105 -2.36 -7.52 14.82
CA LEU B 105 -3.76 -7.41 15.20
C LEU B 105 -4.00 -8.12 16.51
N LYS B 106 -4.95 -7.61 17.28
CA LYS B 106 -5.30 -8.22 18.55
C LYS B 106 -5.84 -9.63 18.32
N LYS B 107 -6.64 -9.80 17.28
CA LYS B 107 -7.24 -11.09 16.94
C LYS B 107 -7.21 -11.30 15.44
N PRO B 108 -7.06 -12.55 15.00
CA PRO B 108 -7.02 -12.81 13.57
C PRO B 108 -8.33 -12.38 12.92
N VAL B 109 -8.25 -11.97 11.67
CA VAL B 109 -9.45 -11.55 10.96
C VAL B 109 -9.83 -12.73 10.05
N ALA B 110 -11.12 -12.97 9.88
CA ALA B 110 -11.53 -14.06 9.00
C ALA B 110 -11.46 -13.57 7.57
N PHE B 111 -11.03 -14.44 6.66
CA PHE B 111 -10.96 -14.07 5.27
C PHE B 111 -12.35 -14.16 4.64
N SER B 112 -12.52 -13.56 3.47
CA SER B 112 -13.81 -13.55 2.81
C SER B 112 -13.56 -13.15 1.37
N ASP B 113 -14.63 -12.91 0.62
CA ASP B 113 -14.52 -12.51 -0.77
C ASP B 113 -13.83 -11.13 -0.88
N TYR B 114 -13.91 -10.36 0.20
CA TYR B 114 -13.35 -9.00 0.21
C TYR B 114 -12.08 -8.81 1.04
N ILE B 115 -11.69 -9.84 1.78
CA ILE B 115 -10.53 -9.81 2.66
C ILE B 115 -9.64 -11.02 2.36
N HIS B 116 -8.45 -10.76 1.86
CA HIS B 116 -7.52 -11.82 1.49
C HIS B 116 -6.10 -11.27 1.44
N PRO B 117 -5.14 -11.97 2.06
CA PRO B 117 -3.76 -11.47 2.05
C PRO B 117 -3.04 -11.50 0.73
N VAL B 118 -2.08 -10.60 0.60
CA VAL B 118 -1.24 -10.48 -0.58
C VAL B 118 0.03 -11.28 -0.27
N CYS B 119 0.75 -11.72 -1.29
CA CYS B 119 2.01 -12.45 -1.07
C CYS B 119 3.20 -11.48 -0.93
N LEU B 120 4.22 -11.93 -0.19
CA LEU B 120 5.46 -11.19 -0.02
C LEU B 120 6.39 -11.84 -1.04
N PRO B 121 7.20 -11.06 -1.76
CA PRO B 121 8.09 -11.65 -2.76
C PRO B 121 9.28 -12.45 -2.22
N ASP B 122 9.78 -13.34 -3.07
CA ASP B 122 10.94 -14.16 -2.75
C ASP B 122 12.01 -13.57 -3.66
N ARG B 123 13.28 -13.86 -3.40
CA ARG B 123 14.34 -13.30 -4.22
C ARG B 123 14.16 -13.45 -5.73
N GLU B 124 13.69 -14.61 -6.16
CA GLU B 124 13.50 -14.87 -7.59
C GLU B 124 12.39 -14.03 -8.21
N THR B 125 11.27 -13.90 -7.50
CA THR B 125 10.16 -13.11 -8.01
C THR B 125 10.61 -11.63 -8.14
N ALA B 126 11.27 -11.13 -7.10
CA ALA B 126 11.74 -9.74 -7.09
C ALA B 126 12.72 -9.48 -8.22
N ALA B 127 13.67 -10.38 -8.41
CA ALA B 127 14.67 -10.22 -9.46
C ALA B 127 14.03 -10.26 -10.82
N SER B 128 13.00 -11.07 -10.95
CA SER B 128 12.32 -11.21 -12.22
C SER B 128 11.35 -10.06 -12.57
N LEU B 129 10.63 -9.56 -11.59
CA LEU B 129 9.64 -8.53 -11.86
C LEU B 129 10.03 -7.07 -11.64
N LEU B 130 10.98 -6.82 -10.74
CA LEU B 130 11.40 -5.45 -10.46
C LEU B 130 12.33 -4.91 -11.53
N GLN B 131 11.78 -4.59 -12.70
CA GLN B 131 12.58 -4.08 -13.80
C GLN B 131 11.95 -2.85 -14.41
N ALA B 132 12.79 -1.94 -14.91
CA ALA B 132 12.33 -0.70 -15.53
C ALA B 132 11.44 -1.02 -16.71
N GLY B 133 10.29 -0.37 -16.78
CA GLY B 133 9.36 -0.62 -17.87
C GLY B 133 8.19 -1.47 -17.40
N TYR B 134 8.45 -2.40 -16.47
CA TYR B 134 7.40 -3.26 -15.94
C TYR B 134 6.45 -2.45 -15.06
N LYS B 135 5.15 -2.69 -15.20
CA LYS B 135 4.16 -1.96 -14.43
C LYS B 135 3.66 -2.64 -13.17
N GLY B 136 3.38 -1.81 -12.18
CA GLY B 136 2.86 -2.26 -10.91
C GLY B 136 1.54 -1.55 -10.67
N ARG B 137 0.84 -1.89 -9.60
CA ARG B 137 -0.44 -1.25 -9.34
C ARG B 137 -0.48 -0.67 -7.95
N VAL B 138 -0.97 0.57 -7.85
CA VAL B 138 -1.07 1.24 -6.57
C VAL B 138 -2.51 1.53 -6.27
N THR B 139 -2.92 1.40 -5.03
CA THR B 139 -4.30 1.64 -4.67
C THR B 139 -4.36 2.48 -3.41
N GLY B 140 -5.45 3.22 -3.23
CA GLY B 140 -5.61 4.04 -2.04
C GLY B 140 -6.80 5.00 -2.07
N TRP B 141 -7.14 5.51 -0.90
CA TRP B 141 -8.24 6.47 -0.72
C TRP B 141 -7.66 7.88 -0.56
N GLY B 142 -6.40 8.06 -0.97
CA GLY B 142 -5.74 9.35 -0.84
C GLY B 142 -6.24 10.45 -1.76
N ASN B 143 -5.63 11.63 -1.63
CA ASN B 143 -5.99 12.79 -2.44
C ASN B 143 -5.96 12.54 -3.93
N LEU B 144 -6.95 13.09 -4.61
CA LEU B 144 -7.08 12.95 -6.06
C LEU B 144 -6.20 13.93 -6.83
N LYS B 145 -5.70 14.94 -6.12
CA LYS B 145 -4.85 15.94 -6.75
C LYS B 145 -4.00 16.60 -5.68
N GLU B 146 -2.84 17.14 -6.07
CA GLU B 146 -1.94 17.78 -5.12
C GLU B 146 -2.67 18.81 -4.27
N THR B 147 -3.51 19.61 -4.92
CA THR B 147 -4.24 20.63 -4.21
C THR B 147 -5.48 21.00 -5.02
N GLY B 155 -11.64 16.49 -4.29
CA GLY B 155 -10.53 16.37 -3.31
C GLY B 155 -10.24 14.93 -2.92
N GLN B 156 -11.20 14.31 -2.26
CA GLN B 156 -11.11 12.91 -1.82
C GLN B 156 -12.08 12.08 -2.66
N PRO B 157 -11.70 10.83 -2.98
CA PRO B 157 -12.56 9.96 -3.79
C PRO B 157 -13.66 9.34 -2.95
N SER B 158 -14.71 8.86 -3.62
CA SER B 158 -15.80 8.24 -2.90
C SER B 158 -15.45 6.78 -2.62
N VAL B 159 -14.75 6.14 -3.54
CA VAL B 159 -14.36 4.75 -3.35
C VAL B 159 -12.87 4.56 -3.66
N LEU B 160 -12.35 3.37 -3.33
CA LEU B 160 -10.94 3.06 -3.57
C LEU B 160 -10.51 3.36 -5.00
N GLN B 161 -9.35 3.98 -5.15
CA GLN B 161 -8.83 4.30 -6.47
C GLN B 161 -7.68 3.38 -6.84
N VAL B 162 -7.43 3.25 -8.13
CA VAL B 162 -6.37 2.37 -8.59
C VAL B 162 -5.66 2.98 -9.78
N VAL B 163 -4.35 2.81 -9.83
CA VAL B 163 -3.59 3.28 -10.99
C VAL B 163 -2.43 2.32 -11.24
N ASN B 164 -2.11 2.08 -12.50
CA ASN B 164 -1.01 1.20 -12.87
C ASN B 164 0.15 2.07 -13.34
N LEU B 165 1.34 1.83 -12.80
CA LEU B 165 2.50 2.65 -13.16
C LEU B 165 3.75 1.84 -13.44
N PRO B 166 4.56 2.31 -14.40
CA PRO B 166 5.81 1.62 -14.75
C PRO B 166 6.91 1.94 -13.74
N ILE B 167 7.79 0.97 -13.52
CA ILE B 167 8.92 1.14 -12.62
C ILE B 167 9.93 1.94 -13.42
N VAL B 168 10.60 2.88 -12.76
CA VAL B 168 11.57 3.73 -13.46
C VAL B 168 13.05 3.42 -13.15
N GLU B 169 13.89 3.55 -14.16
CA GLU B 169 15.33 3.32 -14.04
C GLU B 169 15.90 4.11 -12.85
N ARG B 170 16.79 3.49 -12.07
CA ARG B 170 17.36 4.17 -10.91
C ARG B 170 18.00 5.54 -11.19
N PRO B 171 18.79 5.67 -12.29
CA PRO B 171 19.42 6.95 -12.63
C PRO B 171 18.40 8.06 -12.82
N VAL B 172 17.29 7.74 -13.50
CA VAL B 172 16.23 8.70 -13.72
C VAL B 172 15.64 9.11 -12.38
N CYS B 173 15.43 8.14 -11.49
CA CYS B 173 14.87 8.43 -10.16
C CYS B 173 15.79 9.40 -9.38
N LYS B 174 17.07 9.08 -9.37
CA LYS B 174 18.07 9.87 -8.65
C LYS B 174 18.19 11.30 -9.21
N ASP B 175 18.20 11.41 -10.53
CA ASP B 175 18.33 12.71 -11.17
C ASP B 175 17.09 13.60 -11.16
N SER B 176 16.03 13.16 -10.50
CA SER B 176 14.79 13.92 -10.44
C SER B 176 14.58 14.60 -9.10
N THR B 177 15.49 14.36 -8.16
CA THR B 177 15.33 14.92 -6.83
C THR B 177 16.66 15.29 -6.19
N ARG B 178 16.59 16.05 -5.11
CA ARG B 178 17.78 16.45 -4.37
C ARG B 178 17.96 15.47 -3.22
N ILE B 179 16.89 14.77 -2.87
CA ILE B 179 16.90 13.81 -1.77
C ILE B 179 17.86 12.66 -2.09
N ARG B 180 18.60 12.19 -1.08
CA ARG B 180 19.52 11.07 -1.29
C ARG B 180 18.72 9.76 -1.30
N ILE B 181 18.69 9.12 -2.46
CA ILE B 181 17.96 7.87 -2.62
C ILE B 181 18.82 6.64 -2.27
N THR B 182 18.22 5.68 -1.57
CA THR B 182 18.94 4.47 -1.14
C THR B 182 18.47 3.22 -1.87
N ASP B 183 19.17 2.11 -1.61
CA ASP B 183 18.84 0.82 -2.20
C ASP B 183 17.49 0.33 -1.69
N ASN B 184 17.06 0.84 -0.53
CA ASN B 184 15.79 0.45 0.06
C ASN B 184 14.55 1.13 -0.52
N MET B 185 14.70 1.78 -1.67
CA MET B 185 13.56 2.43 -2.33
C MET B 185 13.68 2.32 -3.82
N PHE B 186 12.55 2.43 -4.50
CA PHE B 186 12.55 2.45 -5.96
C PHE B 186 11.47 3.49 -6.32
N CYS B 187 11.53 4.04 -7.52
CA CYS B 187 10.54 5.04 -7.90
C CYS B 187 9.76 4.55 -9.10
N ALA B 188 8.54 5.04 -9.24
CA ALA B 188 7.67 4.63 -10.34
C ALA B 188 6.84 5.79 -10.89
N GLY B 189 6.48 5.71 -12.15
CA GLY B 189 5.67 6.76 -12.75
C GLY B 189 6.03 6.93 -14.20
N TYR B 190 5.19 7.69 -14.90
CA TYR B 190 5.43 7.95 -16.29
C TYR B 190 6.36 9.15 -16.45
N LYS B 191 7.11 9.15 -17.54
CA LYS B 191 8.02 10.25 -17.85
C LYS B 191 7.16 11.32 -18.52
N PRO B 192 7.59 12.59 -18.45
CA PRO B 192 6.82 13.70 -19.06
C PRO B 192 6.45 13.50 -20.52
N ASP B 193 7.27 12.76 -21.25
CA ASP B 193 7.04 12.53 -22.66
C ASP B 193 6.21 11.29 -23.02
N GLU B 194 5.87 10.48 -22.02
CA GLU B 194 5.11 9.26 -22.28
C GLU B 194 3.61 9.45 -22.49
N GLY B 195 3.15 10.69 -22.33
CA GLY B 195 1.74 10.96 -22.55
C GLY B 195 0.75 10.17 -21.72
N LYS B 196 1.12 9.90 -20.48
CA LYS B 196 0.25 9.18 -19.54
C LYS B 196 0.66 9.72 -18.17
N ARG B 197 -0.31 9.83 -17.26
CA ARG B 197 0.00 10.35 -15.93
C ARG B 197 -0.45 9.41 -14.82
N GLY B 198 -0.36 9.87 -13.59
CA GLY B 198 -0.77 9.06 -12.47
C GLY B 198 0.29 9.03 -11.40
N ASP B 199 -0.13 9.00 -10.15
CA ASP B 199 0.80 8.98 -9.04
C ASP B 199 -0.02 8.71 -7.80
N ALA B 200 0.65 8.37 -6.71
CA ALA B 200 -0.02 8.23 -5.47
C ALA B 200 0.02 9.60 -4.87
N CYS B 201 -0.59 9.83 -3.72
CA CYS B 201 -0.58 11.18 -3.14
C CYS B 201 -0.82 11.03 -1.62
N GLU B 202 -0.85 12.16 -0.93
CA GLU B 202 -1.08 12.17 0.52
C GLU B 202 -2.31 11.33 0.85
N GLY B 203 -2.21 10.53 1.91
CA GLY B 203 -3.32 9.67 2.30
C GLY B 203 -3.17 8.26 1.72
N ASP B 204 -2.41 8.14 0.64
CA ASP B 204 -2.13 6.85 -0.01
C ASP B 204 -0.92 6.15 0.60
N SER B 205 -0.03 6.92 1.23
CA SER B 205 1.16 6.29 1.80
C SER B 205 0.80 5.13 2.72
N GLY B 206 1.70 4.14 2.74
CA GLY B 206 1.48 2.96 3.56
C GLY B 206 0.82 1.88 2.74
N GLY B 207 0.13 2.28 1.65
CA GLY B 207 -0.52 1.32 0.77
C GLY B 207 0.43 0.46 -0.05
N PRO B 208 -0.09 -0.60 -0.68
CA PRO B 208 0.75 -1.47 -1.49
C PRO B 208 0.95 -1.15 -2.96
N PHE B 209 2.14 -1.43 -3.45
CA PHE B 209 2.45 -1.39 -4.82
C PHE B 209 2.56 -2.82 -5.19
N VAL B 210 1.61 -3.37 -5.94
CA VAL B 210 1.65 -4.81 -6.23
C VAL B 210 1.90 -5.14 -7.67
N MET B 211 2.30 -6.38 -7.91
CA MET B 211 2.53 -6.86 -9.25
C MET B 211 1.98 -8.27 -9.36
N LYS B 212 1.50 -8.64 -10.54
CA LYS B 212 0.94 -9.97 -10.75
C LYS B 212 1.99 -10.82 -11.45
N SER B 213 2.39 -11.90 -10.81
CA SER B 213 3.41 -12.77 -11.39
C SER B 213 2.89 -13.53 -12.60
N PRO B 214 3.59 -13.47 -13.73
CA PRO B 214 3.13 -14.21 -14.91
C PRO B 214 3.47 -15.72 -14.80
N PHE B 215 4.21 -16.10 -13.77
CA PHE B 215 4.62 -17.48 -13.56
C PHE B 215 3.63 -18.29 -12.75
N ASN B 216 3.06 -17.70 -11.70
CA ASN B 216 2.10 -18.46 -10.92
C ASN B 216 0.78 -17.74 -10.72
N ASN B 217 0.60 -16.61 -11.40
CA ASN B 217 -0.66 -15.86 -11.32
C ASN B 217 -1.01 -15.25 -10.00
N ARG B 218 -0.04 -15.15 -9.10
CA ARG B 218 -0.29 -14.56 -7.80
C ARG B 218 0.12 -13.09 -7.77
N TRP B 219 -0.51 -12.33 -6.89
CA TRP B 219 -0.21 -10.91 -6.70
C TRP B 219 0.82 -10.79 -5.58
N TYR B 220 1.90 -10.06 -5.84
CA TYR B 220 2.97 -9.87 -4.86
C TYR B 220 3.15 -8.39 -4.53
N GLN B 221 3.33 -8.06 -3.24
CA GLN B 221 3.55 -6.67 -2.88
C GLN B 221 5.04 -6.37 -2.98
N MET B 222 5.43 -5.60 -3.99
CA MET B 222 6.83 -5.25 -4.20
C MET B 222 7.23 -3.96 -3.49
N GLY B 223 6.26 -3.08 -3.24
CA GLY B 223 6.58 -1.82 -2.59
C GLY B 223 5.53 -1.30 -1.63
N ILE B 224 5.89 -0.24 -0.91
CA ILE B 224 4.99 0.42 0.02
C ILE B 224 5.04 1.91 -0.38
N VAL B 225 3.88 2.54 -0.55
CA VAL B 225 3.85 3.96 -0.90
C VAL B 225 4.58 4.73 0.20
N SER B 226 5.69 5.35 -0.17
CA SER B 226 6.48 6.09 0.83
C SER B 226 6.43 7.61 0.72
N TRP B 227 6.98 8.16 -0.36
CA TRP B 227 6.96 9.61 -0.52
C TRP B 227 7.09 10.09 -1.95
N GLY B 228 6.96 11.40 -2.10
CA GLY B 228 7.08 12.06 -3.39
C GLY B 228 7.03 13.56 -3.11
N GLU B 229 7.41 14.37 -4.09
CA GLU B 229 7.38 15.81 -3.92
C GLU B 229 6.18 16.30 -4.73
N GLY B 230 5.09 16.61 -4.03
CA GLY B 230 3.88 17.00 -4.74
C GLY B 230 3.23 15.71 -5.19
N CYS B 231 2.37 15.76 -6.21
CA CYS B 231 1.69 14.57 -6.71
C CYS B 231 1.48 14.69 -8.20
N ASP B 232 1.94 13.71 -8.96
CA ASP B 232 1.79 13.73 -10.40
C ASP B 232 2.41 14.95 -11.09
N ARG B 233 3.48 15.50 -10.50
CA ARG B 233 4.17 16.64 -11.11
C ARG B 233 5.04 16.09 -12.24
N ASP B 234 5.12 16.80 -13.36
CA ASP B 234 5.94 16.33 -14.48
C ASP B 234 7.40 16.28 -14.02
N GLY B 235 8.15 15.28 -14.48
CA GLY B 235 9.54 15.17 -14.11
C GLY B 235 9.82 14.66 -12.71
N LYS B 236 8.78 14.41 -11.92
CA LYS B 236 8.92 13.90 -10.56
C LYS B 236 8.32 12.48 -10.51
N TYR B 237 8.75 11.66 -9.55
CA TYR B 237 8.27 10.28 -9.47
C TYR B 237 7.87 9.87 -8.04
N GLY B 238 7.02 8.85 -7.96
CA GLY B 238 6.63 8.34 -6.66
C GLY B 238 7.74 7.44 -6.17
N PHE B 239 8.00 7.48 -4.86
CA PHE B 239 9.02 6.64 -4.28
C PHE B 239 8.36 5.64 -3.36
N TYR B 240 8.86 4.41 -3.43
CA TYR B 240 8.31 3.27 -2.71
C TYR B 240 9.38 2.52 -1.91
N THR B 241 9.04 2.05 -0.73
CA THR B 241 9.94 1.21 0.08
C THR B 241 10.08 -0.16 -0.64
N HIS B 242 11.32 -0.62 -0.79
CA HIS B 242 11.63 -1.88 -1.45
C HIS B 242 11.33 -3.02 -0.47
N VAL B 243 10.19 -3.66 -0.63
CA VAL B 243 9.80 -4.71 0.31
C VAL B 243 10.74 -5.91 0.39
N PHE B 244 11.19 -6.43 -0.74
CA PHE B 244 12.08 -7.58 -0.69
C PHE B 244 13.36 -7.27 0.06
N ARG B 245 13.90 -6.08 -0.19
CA ARG B 245 15.13 -5.63 0.42
C ARG B 245 15.01 -5.69 1.94
N LEU B 246 13.80 -5.51 2.47
CA LEU B 246 13.59 -5.52 3.90
C LEU B 246 12.88 -6.75 4.45
N LYS B 247 12.74 -7.79 3.63
CA LYS B 247 12.04 -9.00 4.05
C LYS B 247 12.63 -9.71 5.27
N LYS B 248 13.95 -9.74 5.37
CA LYS B 248 14.61 -10.38 6.50
C LYS B 248 14.10 -9.79 7.82
N TRP B 249 13.97 -8.48 7.87
CA TRP B 249 13.47 -7.82 9.09
C TRP B 249 12.01 -8.19 9.31
N ILE B 250 11.25 -8.29 8.23
CA ILE B 250 9.85 -8.63 8.35
C ILE B 250 9.71 -10.04 8.96
N GLN B 251 10.42 -11.01 8.39
CA GLN B 251 10.36 -12.38 8.88
C GLN B 251 10.84 -12.48 10.33
N LYS B 252 11.86 -11.71 10.66
CA LYS B 252 12.40 -11.70 12.02
C LYS B 252 11.31 -11.30 13.01
N VAL B 253 10.63 -10.19 12.73
CA VAL B 253 9.58 -9.69 13.63
C VAL B 253 8.44 -10.68 13.80
N ILE B 254 8.02 -11.29 12.70
CA ILE B 254 6.92 -12.23 12.74
C ILE B 254 7.33 -13.50 13.48
N ASP B 255 8.50 -14.03 13.17
CA ASP B 255 8.99 -15.24 13.82
C ASP B 255 9.23 -15.05 15.32
N GLN B 256 9.97 -14.00 15.69
CA GLN B 256 10.26 -13.75 17.10
C GLN B 256 9.05 -13.33 17.91
N PHE B 257 8.16 -12.54 17.30
CA PHE B 257 6.98 -12.08 18.04
C PHE B 257 5.68 -12.75 17.59
N GLY C 1 -16.54 14.12 2.10
CA GLY C 1 -16.89 14.73 3.41
C GLY C 1 -16.36 13.94 4.58
N ASP C 2 -17.03 14.07 5.73
CA ASP C 2 -16.62 13.37 6.94
C ASP C 2 -16.99 11.88 6.89
N PHE C 3 -16.59 11.16 7.93
CA PHE C 3 -16.83 9.73 8.00
C PHE C 3 -18.11 9.37 8.75
N GLU C 4 -18.64 8.20 8.42
CA GLU C 4 -19.85 7.72 9.05
C GLU C 4 -19.52 7.08 10.39
N GLU C 5 -20.44 7.23 11.33
CA GLU C 5 -20.32 6.68 12.68
C GLU C 5 -20.06 5.17 12.64
N ILE C 6 -19.05 4.71 13.37
CA ILE C 6 -18.77 3.29 13.41
C ILE C 6 -19.19 2.78 14.79
N PRO C 7 -19.61 1.51 14.88
CA PRO C 7 -20.03 0.91 16.17
C PRO C 7 -19.12 1.25 17.34
N GLU C 8 -19.73 1.58 18.48
CA GLU C 8 -19.01 1.94 19.69
C GLU C 8 -18.09 0.85 20.23
N GLU C 9 -18.40 -0.41 19.92
CA GLU C 9 -17.58 -1.53 20.38
C GLU C 9 -16.13 -1.40 19.92
N TYS C 10 -15.92 -0.72 18.80
CA TYS C 10 -14.57 -0.55 18.26
CB TYS C 10 -14.61 -0.52 16.73
CG TYS C 10 -15.32 -1.68 16.12
CD1 TYS C 10 -16.51 -1.40 15.22
CD2 TYS C 10 -14.92 -3.12 16.37
CE1 TYS C 10 -17.29 -2.54 14.59
CE2 TYS C 10 -15.70 -4.27 15.76
CZ TYS C 10 -16.86 -3.96 14.83
OH TYS C 10 -17.45 -4.98 14.13
S TYS C 10 -16.94 -5.25 12.71
O1 TYS C 10 -15.51 -5.76 12.84
O2 TYS C 10 -17.85 -6.41 12.15
O3 TYS C 10 -17.09 -4.02 11.83
C TYS C 10 -13.88 0.73 18.75
O TYS C 10 -12.81 1.08 18.27
N LEU C 11 -14.49 1.42 19.70
CA LEU C 11 -13.91 2.64 20.22
C LEU C 11 -13.50 2.53 21.68
N GLN C 12 -13.64 1.34 22.25
CA GLN C 12 -13.29 1.09 23.64
C GLN C 12 -12.16 0.06 23.74
C1 NAG D . 6.82 8.39 20.75
C2 NAG D . 7.98 9.05 21.54
C3 NAG D . 8.70 8.07 22.51
C4 NAG D . 7.58 7.45 23.38
C5 NAG D . 6.42 6.88 22.51
C6 NAG D . 5.32 6.32 23.39
C7 NAG D . 9.60 8.98 19.74
C8 NAG D . 10.47 9.81 18.81
N2 NAG D . 8.93 9.68 20.64
O3 NAG D . 9.63 8.79 23.33
O4 NAG D . 8.13 6.40 24.20
O5 NAG D . 5.84 7.83 21.65
O6 NAG D . 5.40 4.92 23.16
O7 NAG D . 9.54 7.74 19.66
NA NA E . 19.79 14.07 -7.57
NA NA F . 5.26 12.56 -12.14
C1 BPP G . 3.48 10.90 -2.80
C2 BPP G . 3.78 12.11 -2.08
C3 BPP G . 3.67 12.09 -0.66
C4 BPP G . 3.28 10.91 0.02
C5 BPP G . 2.99 9.71 -0.70
C6 BPP G . 3.09 9.73 -2.12
C10 BPP G . 3.88 13.03 0.34
C11 BPP G . 3.64 12.44 1.58
N12 BPP G . 3.27 11.14 1.32
C13 BPP G . 3.60 10.84 -4.23
N14 BPP G . 3.92 9.65 -4.70
N15 BPP G . 3.43 11.87 -5.01
C17 BPP G . 3.75 12.98 2.90
O18 BPP G . 2.86 13.67 3.44
N19 BPP G . 5.00 12.72 3.66
C20 BPP G . 5.27 13.24 5.07
C21 BPP G . 6.34 14.35 4.82
C22 BPP G . 7.56 13.74 4.12
C23 BPP G . 7.15 12.97 2.79
C24 BPP G . 6.10 11.95 3.10
C33 BPP G . 8.65 14.79 3.77
C35 BPP G . 9.96 14.11 3.27
C38 BPP G . 10.27 13.99 1.86
C39 BPP G . 11.45 13.36 1.42
C40 BPP G . 12.34 12.84 2.39
C41 BPP G . 12.06 12.94 3.77
C42 BPP G . 10.90 13.56 4.22
#